data_8JST
#
_entry.id   8JST
#
_cell.length_a   67.010
_cell.length_b   67.010
_cell.length_c   139.764
_cell.angle_alpha   90.000
_cell.angle_beta   90.000
_cell.angle_gamma   90.000
#
_symmetry.space_group_name_H-M   'P 43 21 2'
#
loop_
_entity.id
_entity.type
_entity.pdbx_description
1 polymer 'Endo-beta-1,4-xylanase rMxylcd'
2 non-polymer GLYCEROL
3 water water
#
_entity_poly.entity_id   1
_entity_poly.type   'polypeptide(L)'
_entity_poly.pdbx_seq_one_letter_code
;SGSCLTNNQTGTHDGYYYSFWKDSGNVTFCLQSGGRYTSQWSNINNWVGGKGWNPGGRRTVTYSGTFNPNGNAYLTLYGW
TTNPLVEYYIVDNWGTYRPPGGQGYMGTVNSDGGTYDIYRTQRVNAPCITGNNCTFWQYWSVRQQRRTGGTITTGNHFDA
WASLGMNLGQHNYMVMATEGYQSSGSSDITVG
;
_entity_poly.pdbx_strand_id   A
#
# COMPACT_ATOMS: atom_id res chain seq x y z
N SER A 1 -7.83 19.35 -12.99
CA SER A 1 -6.61 19.26 -13.77
C SER A 1 -5.55 18.49 -13.01
N GLY A 2 -4.78 17.68 -13.73
CA GLY A 2 -3.75 16.91 -13.11
C GLY A 2 -2.65 16.56 -14.09
N SER A 3 -1.48 16.31 -13.56
CA SER A 3 -0.35 15.97 -14.39
C SER A 3 0.02 14.53 -14.13
N CYS A 4 0.75 13.95 -15.06
CA CYS A 4 1.20 12.59 -14.92
C CYS A 4 2.66 12.68 -14.49
N LEU A 5 3.02 11.91 -13.48
CA LEU A 5 4.37 11.93 -12.97
C LEU A 5 5.16 10.73 -13.43
N THR A 6 6.44 10.95 -13.68
CA THR A 6 7.32 9.87 -14.11
C THR A 6 8.52 9.75 -13.16
N ASN A 7 8.65 10.72 -12.25
CA ASN A 7 9.72 10.72 -11.25
C ASN A 7 9.11 10.75 -9.85
N ASN A 8 9.85 10.24 -8.88
CA ASN A 8 9.39 10.21 -7.49
C ASN A 8 8.88 11.56 -7.03
N GLN A 9 7.76 11.56 -6.33
CA GLN A 9 7.19 12.80 -5.82
C GLN A 9 6.07 12.56 -4.83
N THR A 10 5.92 13.49 -3.90
CA THR A 10 4.85 13.44 -2.92
C THR A 10 4.22 14.82 -2.92
N GLY A 11 2.99 14.91 -2.42
CA GLY A 11 2.31 16.18 -2.36
C GLY A 11 0.84 16.01 -2.06
N THR A 12 0.07 17.02 -2.44
CA THR A 12 -1.36 17.01 -2.24
C THR A 12 -2.02 17.40 -3.56
N HIS A 13 -3.05 16.66 -3.94
CA HIS A 13 -3.77 16.92 -5.17
C HIS A 13 -5.27 16.75 -4.99
N ASP A 14 -6.03 17.79 -5.31
CA ASP A 14 -7.47 17.77 -5.18
C ASP A 14 -7.90 17.37 -3.78
N GLY A 15 -7.15 17.83 -2.79
CA GLY A 15 -7.46 17.55 -1.41
C GLY A 15 -6.91 16.26 -0.83
N TYR A 16 -6.28 15.44 -1.66
CA TYR A 16 -5.73 14.19 -1.18
C TYR A 16 -4.21 14.12 -1.23
N TYR A 17 -3.63 13.54 -0.20
CA TYR A 17 -2.19 13.38 -0.18
C TYR A 17 -1.86 12.28 -1.17
N TYR A 18 -0.66 12.34 -1.74
CA TYR A 18 -0.23 11.31 -2.65
C TYR A 18 1.26 11.07 -2.52
N SER A 19 1.67 9.83 -2.75
CA SER A 19 3.06 9.46 -2.73
C SER A 19 3.31 8.56 -3.92
N PHE A 20 4.38 8.84 -4.65
CA PHE A 20 4.75 8.07 -5.82
C PHE A 20 6.25 7.78 -5.71
N TRP A 21 6.61 6.51 -5.63
CA TRP A 21 8.00 6.13 -5.49
C TRP A 21 8.37 4.90 -6.29
N LYS A 22 9.61 4.88 -6.77
CA LYS A 22 10.15 3.75 -7.50
C LYS A 22 11.66 3.81 -7.36
N ASP A 23 12.32 2.66 -7.42
CA ASP A 23 13.77 2.67 -7.32
C ASP A 23 14.37 2.82 -8.70
N SER A 24 13.68 2.29 -9.70
CA SER A 24 14.12 2.36 -11.08
C SER A 24 13.06 1.80 -11.98
N GLY A 25 12.99 2.28 -13.21
CA GLY A 25 11.99 1.76 -14.12
C GLY A 25 11.06 2.80 -14.67
N ASN A 26 10.06 2.33 -15.41
CA ASN A 26 9.12 3.23 -16.03
C ASN A 26 7.73 3.14 -15.45
N VAL A 27 7.30 4.23 -14.82
CA VAL A 27 5.97 4.28 -14.25
C VAL A 27 5.36 5.64 -14.57
N THR A 28 4.11 5.62 -15.00
CA THR A 28 3.38 6.84 -15.29
C THR A 28 2.28 6.88 -14.24
N PHE A 29 2.41 7.83 -13.31
CA PHE A 29 1.48 8.00 -12.21
C PHE A 29 0.69 9.28 -12.43
N CYS A 30 -0.56 9.13 -12.81
CA CYS A 30 -1.40 10.29 -13.10
C CYS A 30 -2.33 10.73 -11.99
N LEU A 31 -2.26 12.01 -11.67
CA LEU A 31 -3.11 12.59 -10.65
C LEU A 31 -4.43 12.96 -11.29
N GLN A 32 -5.42 12.10 -11.15
CA GLN A 32 -6.73 12.34 -11.72
C GLN A 32 -7.57 13.15 -10.73
N SER A 33 -8.80 13.46 -11.11
CA SER A 33 -9.68 14.26 -10.26
C SER A 33 -10.07 13.64 -8.92
N GLY A 34 -10.13 14.48 -7.91
CA GLY A 34 -10.52 14.05 -6.58
C GLY A 34 -9.55 13.08 -5.95
N GLY A 35 -10.05 11.93 -5.52
CA GLY A 35 -9.19 10.94 -4.90
C GLY A 35 -8.72 9.88 -5.87
N ARG A 36 -8.83 10.18 -7.17
CA ARG A 36 -8.43 9.23 -8.20
C ARG A 36 -7.01 9.40 -8.73
N TYR A 37 -6.41 8.27 -9.08
CA TYR A 37 -5.09 8.24 -9.69
C TYR A 37 -5.07 7.02 -10.59
N THR A 38 -4.23 7.06 -11.61
CA THR A 38 -4.09 5.93 -12.49
C THR A 38 -2.60 5.66 -12.57
N SER A 39 -2.24 4.43 -12.89
CA SER A 39 -0.85 4.08 -13.01
C SER A 39 -0.65 3.03 -14.07
N GLN A 40 0.51 3.05 -14.69
CA GLN A 40 0.91 2.09 -15.70
C GLN A 40 2.40 1.92 -15.44
N TRP A 41 2.85 0.68 -15.35
CA TRP A 41 4.25 0.43 -15.09
C TRP A 41 4.83 -0.69 -15.95
N SER A 42 6.15 -0.67 -16.07
CA SER A 42 6.88 -1.67 -16.83
C SER A 42 8.37 -1.42 -16.67
N ASN A 43 9.19 -2.41 -17.03
CA ASN A 43 10.63 -2.29 -16.95
C ASN A 43 11.09 -1.72 -15.62
N ILE A 44 10.52 -2.23 -14.54
CA ILE A 44 10.84 -1.76 -13.20
C ILE A 44 11.43 -2.80 -12.30
N ASN A 45 11.92 -2.36 -11.16
CA ASN A 45 12.38 -3.27 -10.16
C ASN A 45 11.24 -3.20 -9.16
N ASN A 46 11.11 -2.07 -8.47
CA ASN A 46 10.06 -1.90 -7.48
C ASN A 46 9.47 -0.49 -7.49
N TRP A 47 8.16 -0.39 -7.30
CA TRP A 47 7.48 0.89 -7.24
C TRP A 47 6.22 0.75 -6.38
N VAL A 48 5.83 1.84 -5.73
CA VAL A 48 4.62 1.85 -4.93
C VAL A 48 4.12 3.28 -4.83
N GLY A 49 2.81 3.46 -4.93
CA GLY A 49 2.23 4.78 -4.84
C GLY A 49 0.73 4.80 -4.87
N GLY A 50 0.15 5.91 -4.44
CA GLY A 50 -1.29 6.06 -4.43
C GLY A 50 -1.71 7.35 -3.78
N LYS A 51 -3.02 7.53 -3.64
CA LYS A 51 -3.55 8.71 -3.01
C LYS A 51 -4.10 8.30 -1.65
N GLY A 52 -4.11 9.24 -0.72
CA GLY A 52 -4.61 8.95 0.60
C GLY A 52 -4.50 10.10 1.56
N TRP A 53 -3.87 9.85 2.70
CA TRP A 53 -3.74 10.86 3.73
C TRP A 53 -2.36 10.90 4.37
N ASN A 54 -2.08 12.03 4.99
CA ASN A 54 -0.84 12.22 5.73
C ASN A 54 -1.15 13.29 6.77
N PRO A 55 -1.20 12.91 8.05
CA PRO A 55 -0.92 11.54 8.47
C PRO A 55 -2.07 10.56 8.36
N GLY A 56 -1.73 9.27 8.45
CA GLY A 56 -2.72 8.22 8.40
C GLY A 56 -3.23 7.98 9.81
N GLY A 57 -3.93 6.87 10.02
CA GLY A 57 -4.47 6.54 11.32
C GLY A 57 -5.76 5.76 11.19
N ARG A 58 -6.56 5.75 12.24
CA ARG A 58 -7.83 5.04 12.22
C ARG A 58 -8.77 5.77 11.28
N ARG A 59 -9.28 5.05 10.29
CA ARG A 59 -10.15 5.66 9.31
C ARG A 59 -10.89 4.60 8.51
N THR A 60 -12.07 4.95 8.01
CA THR A 60 -12.83 4.05 7.17
C THR A 60 -12.51 4.50 5.76
N VAL A 61 -11.62 3.78 5.10
CA VAL A 61 -11.22 4.11 3.73
C VAL A 61 -12.14 3.46 2.73
N THR A 62 -12.60 4.24 1.76
CA THR A 62 -13.46 3.71 0.72
C THR A 62 -12.69 3.86 -0.58
N TYR A 63 -12.64 2.80 -1.37
CA TYR A 63 -11.95 2.86 -2.64
C TYR A 63 -12.64 2.02 -3.69
N SER A 64 -12.39 2.35 -4.95
CA SER A 64 -12.98 1.62 -6.06
C SER A 64 -12.10 1.80 -7.28
N GLY A 65 -12.35 0.99 -8.32
CA GLY A 65 -11.58 1.09 -9.53
C GLY A 65 -11.21 -0.24 -10.15
N THR A 66 -10.11 -0.24 -10.88
CA THR A 66 -9.64 -1.44 -11.55
C THR A 66 -8.17 -1.69 -11.23
N PHE A 67 -7.79 -2.96 -11.30
CA PHE A 67 -6.43 -3.39 -11.02
C PHE A 67 -6.09 -4.46 -12.04
N ASN A 68 -5.12 -4.15 -12.91
CA ASN A 68 -4.72 -5.07 -13.97
C ASN A 68 -3.25 -5.42 -13.94
N PRO A 69 -2.89 -6.37 -13.00
CA PRO A 69 -1.47 -6.70 -12.98
C PRO A 69 -1.05 -7.71 -14.03
N ASN A 70 0.17 -7.58 -14.52
CA ASN A 70 0.75 -8.51 -15.48
C ASN A 70 2.00 -9.00 -14.79
N GLY A 71 1.81 -9.88 -13.82
CA GLY A 71 2.90 -10.41 -13.05
C GLY A 71 2.71 -10.06 -11.59
N ASN A 72 3.80 -9.76 -10.91
CA ASN A 72 3.81 -9.44 -9.49
C ASN A 72 3.46 -7.98 -9.18
N ALA A 73 2.30 -7.78 -8.55
CA ALA A 73 1.84 -6.46 -8.16
C ALA A 73 0.77 -6.58 -7.07
N TYR A 74 0.65 -5.54 -6.25
CA TYR A 74 -0.34 -5.53 -5.19
C TYR A 74 -1.27 -4.32 -5.27
N LEU A 75 -2.47 -4.48 -4.73
CA LEU A 75 -3.46 -3.42 -4.61
C LEU A 75 -3.62 -3.44 -3.11
N THR A 76 -3.13 -2.42 -2.44
CA THR A 76 -3.14 -2.44 -0.99
C THR A 76 -3.08 -1.10 -0.30
N LEU A 77 -3.66 -1.01 0.89
CA LEU A 77 -3.56 0.21 1.66
C LEU A 77 -2.11 0.09 2.10
N TYR A 78 -1.40 1.20 2.09
CA TYR A 78 0.02 1.20 2.40
C TYR A 78 0.40 2.42 3.20
N GLY A 79 1.19 2.22 4.26
CA GLY A 79 1.59 3.32 5.09
C GLY A 79 2.82 3.08 5.94
N TRP A 80 3.21 4.12 6.68
CA TRP A 80 4.37 4.06 7.53
C TRP A 80 4.14 4.71 8.89
N THR A 81 4.94 4.31 9.86
CA THR A 81 4.94 4.90 11.18
C THR A 81 6.40 5.00 11.57
N THR A 82 6.68 5.84 12.57
CA THR A 82 8.04 6.00 13.06
C THR A 82 7.98 5.80 14.57
N ASN A 83 9.09 5.35 15.16
CA ASN A 83 9.17 5.12 16.59
C ASN A 83 7.96 4.34 17.15
N PRO A 84 7.76 3.01 16.79
CA PRO A 84 8.77 2.40 15.89
C PRO A 84 8.58 2.61 14.38
N LEU A 85 9.64 2.30 13.64
CA LEU A 85 9.65 2.40 12.19
C LEU A 85 8.98 1.15 11.62
N VAL A 86 7.83 1.35 11.00
CA VAL A 86 7.08 0.24 10.44
C VAL A 86 6.45 0.57 9.11
N GLU A 87 6.51 -0.40 8.20
CA GLU A 87 5.90 -0.30 6.90
C GLU A 87 4.72 -1.26 6.99
N TYR A 88 3.51 -0.79 6.73
CA TYR A 88 2.35 -1.67 6.84
C TYR A 88 1.53 -1.78 5.57
N TYR A 89 0.86 -2.92 5.44
CA TYR A 89 0.05 -3.23 4.29
C TYR A 89 -1.28 -3.87 4.64
N ILE A 90 -2.32 -3.51 3.92
CA ILE A 90 -3.63 -4.12 4.04
C ILE A 90 -3.96 -4.41 2.59
N VAL A 91 -3.54 -5.59 2.15
CA VAL A 91 -3.68 -6.05 0.77
C VAL A 91 -5.03 -6.67 0.42
N ASP A 92 -5.66 -6.14 -0.62
CA ASP A 92 -6.95 -6.64 -1.07
C ASP A 92 -6.82 -7.46 -2.35
N ASN A 93 -5.79 -7.18 -3.14
CA ASN A 93 -5.59 -7.90 -4.39
C ASN A 93 -4.11 -8.04 -4.71
N TRP A 94 -3.78 -9.04 -5.51
CA TRP A 94 -2.40 -9.30 -5.89
C TRP A 94 -2.35 -10.03 -7.23
N GLY A 95 -1.17 -10.07 -7.81
CA GLY A 95 -0.98 -10.72 -9.09
C GLY A 95 -0.50 -12.15 -8.97
N THR A 96 0.64 -12.43 -9.56
CA THR A 96 1.20 -13.77 -9.54
C THR A 96 1.79 -14.19 -8.20
N TYR A 97 1.95 -13.25 -7.29
CA TYR A 97 2.53 -13.56 -5.98
C TYR A 97 1.68 -13.04 -4.84
N ARG A 98 1.22 -13.93 -3.98
CA ARG A 98 0.43 -13.53 -2.83
C ARG A 98 1.43 -13.23 -1.72
N PRO A 99 1.47 -11.90 -1.30
CA PRO A 99 2.46 -11.63 -0.26
C PRO A 99 2.00 -12.04 1.13
N PRO A 100 2.94 -12.31 2.13
CA PRO A 100 4.35 -12.26 1.76
C PRO A 100 4.91 -13.69 1.62
N GLY A 101 4.27 -14.49 0.78
CA GLY A 101 4.71 -15.85 0.57
C GLY A 101 4.51 -16.71 1.80
N GLY A 102 3.54 -16.34 2.62
CA GLY A 102 3.22 -17.06 3.83
C GLY A 102 4.18 -16.84 4.98
N GLN A 103 5.20 -16.02 4.75
CA GLN A 103 6.20 -15.76 5.78
C GLN A 103 5.68 -14.99 6.99
N GLY A 104 6.04 -15.47 8.18
CA GLY A 104 5.66 -14.83 9.42
C GLY A 104 4.19 -14.74 9.76
N TYR A 105 3.45 -15.80 9.48
CA TYR A 105 2.03 -15.84 9.76
C TYR A 105 1.76 -15.67 11.25
N MET A 106 0.79 -14.83 11.58
CA MET A 106 0.46 -14.55 12.98
C MET A 106 -0.96 -14.90 13.39
N GLY A 107 -1.88 -14.94 12.43
CA GLY A 107 -3.27 -15.24 12.71
C GLY A 107 -4.15 -14.55 11.69
N THR A 108 -5.41 -14.32 12.03
CA THR A 108 -6.33 -13.67 11.11
C THR A 108 -7.14 -12.56 11.76
N VAL A 109 -7.85 -11.81 10.93
CA VAL A 109 -8.73 -10.74 11.37
C VAL A 109 -9.86 -10.58 10.36
N ASN A 110 -11.07 -10.40 10.85
CA ASN A 110 -12.22 -10.20 9.99
C ASN A 110 -12.50 -8.72 9.91
N SER A 111 -12.67 -8.21 8.71
CA SER A 111 -12.95 -6.80 8.53
C SER A 111 -13.54 -6.51 7.16
N ASP A 112 -14.51 -5.61 7.13
CA ASP A 112 -15.13 -5.20 5.89
C ASP A 112 -15.58 -6.36 5.01
N GLY A 113 -16.28 -7.30 5.61
CA GLY A 113 -16.82 -8.46 4.90
C GLY A 113 -15.86 -9.55 4.46
N GLY A 114 -14.60 -9.44 4.85
CA GLY A 114 -13.64 -10.44 4.47
C GLY A 114 -12.75 -10.87 5.62
N THR A 115 -11.95 -11.90 5.38
CA THR A 115 -11.03 -12.40 6.38
C THR A 115 -9.62 -12.18 5.84
N TYR A 116 -8.75 -11.65 6.69
CA TYR A 116 -7.38 -11.36 6.30
C TYR A 116 -6.38 -12.16 7.10
N ASP A 117 -5.33 -12.62 6.43
CA ASP A 117 -4.26 -13.35 7.09
C ASP A 117 -3.28 -12.28 7.56
N ILE A 118 -2.76 -12.43 8.77
CA ILE A 118 -1.83 -11.46 9.30
C ILE A 118 -0.40 -12.01 9.28
N TYR A 119 0.54 -11.17 8.85
CA TYR A 119 1.94 -11.57 8.81
C TYR A 119 2.83 -10.44 9.30
N ARG A 120 4.01 -10.81 9.77
CA ARG A 120 5.00 -9.83 10.21
C ARG A 120 6.33 -10.32 9.67
N THR A 121 6.97 -9.47 8.87
CA THR A 121 8.23 -9.81 8.24
C THR A 121 9.23 -8.67 8.33
N GLN A 122 10.50 -9.02 8.45
CA GLN A 122 11.57 -8.04 8.58
C GLN A 122 12.26 -7.76 7.25
N ARG A 123 12.64 -6.50 7.04
CA ARG A 123 13.34 -6.10 5.81
C ARG A 123 14.73 -5.57 6.12
N VAL A 124 15.64 -5.76 5.17
CA VAL A 124 17.03 -5.28 5.29
C VAL A 124 17.49 -4.59 4.01
N ASN A 125 18.45 -3.68 4.14
CA ASN A 125 18.99 -2.94 3.00
C ASN A 125 17.85 -2.44 2.14
N ALA A 126 16.84 -1.89 2.79
CA ALA A 126 15.67 -1.41 2.09
C ALA A 126 15.36 0.07 2.26
N PRO A 127 14.79 0.66 1.16
CA PRO A 127 14.46 2.09 1.35
C PRO A 127 13.30 2.26 2.31
N CYS A 128 13.31 3.34 3.06
CA CYS A 128 12.24 3.62 4.00
C CYS A 128 12.00 5.12 4.03
N ILE A 129 11.01 5.57 4.79
CA ILE A 129 10.72 7.00 4.82
C ILE A 129 11.82 7.83 5.46
N THR A 130 12.61 7.24 6.33
CA THR A 130 13.68 7.98 7.00
C THR A 130 15.05 7.91 6.31
N GLY A 131 15.07 7.39 5.10
CA GLY A 131 16.31 7.30 4.35
C GLY A 131 16.42 6.03 3.55
N ASN A 132 17.63 5.73 3.09
CA ASN A 132 17.82 4.52 2.33
C ASN A 132 18.58 3.50 3.17
N ASN A 133 18.64 2.28 2.65
CA ASN A 133 19.32 1.20 3.34
C ASN A 133 18.93 1.11 4.81
N CYS A 134 17.64 0.88 5.06
CA CYS A 134 17.16 0.74 6.42
C CYS A 134 16.71 -0.69 6.68
N THR A 135 16.49 -0.98 7.94
CA THR A 135 15.98 -2.28 8.34
C THR A 135 14.77 -1.95 9.20
N PHE A 136 13.69 -2.68 9.02
CA PHE A 136 12.46 -2.43 9.75
C PHE A 136 11.50 -3.60 9.61
N TRP A 137 10.43 -3.57 10.38
CA TRP A 137 9.42 -4.61 10.33
C TRP A 137 8.28 -4.20 9.43
N GLN A 138 7.67 -5.19 8.79
CA GLN A 138 6.51 -4.97 7.93
C GLN A 138 5.34 -5.68 8.59
N TYR A 139 4.19 -5.02 8.65
CA TYR A 139 3.01 -5.63 9.21
C TYR A 139 2.08 -5.85 8.02
N TRP A 140 1.52 -7.04 7.91
CA TRP A 140 0.64 -7.36 6.80
C TRP A 140 -0.71 -7.91 7.19
N SER A 141 -1.71 -7.54 6.42
CA SER A 141 -3.06 -8.05 6.50
C SER A 141 -3.32 -8.34 5.03
N VAL A 142 -3.54 -9.60 4.69
CA VAL A 142 -3.76 -9.98 3.30
C VAL A 142 -5.08 -10.72 3.16
N ARG A 143 -5.98 -10.17 2.35
CA ARG A 143 -7.29 -10.80 2.15
C ARG A 143 -7.12 -12.24 1.67
N GLN A 144 -7.96 -13.13 2.21
CA GLN A 144 -7.90 -14.52 1.83
C GLN A 144 -8.36 -14.74 0.40
N GLN A 145 -9.21 -13.82 -0.07
CA GLN A 145 -9.71 -13.86 -1.43
C GLN A 145 -9.54 -12.47 -2.05
N ARG A 146 -9.18 -12.43 -3.32
CA ARG A 146 -8.98 -11.18 -4.01
C ARG A 146 -10.24 -10.34 -4.08
N ARG A 147 -10.04 -9.03 -4.01
CA ARG A 147 -11.12 -8.08 -4.10
C ARG A 147 -10.59 -6.77 -4.66
N THR A 148 -11.39 -6.09 -5.47
CA THR A 148 -11.00 -4.81 -6.02
C THR A 148 -12.11 -3.81 -5.77
N GLY A 149 -12.05 -3.14 -4.62
CA GLY A 149 -13.04 -2.15 -4.25
C GLY A 149 -13.80 -2.50 -2.98
N GLY A 150 -14.08 -1.49 -2.18
CA GLY A 150 -14.79 -1.68 -0.94
C GLY A 150 -14.28 -0.76 0.13
N THR A 151 -14.52 -1.12 1.38
CA THR A 151 -14.05 -0.30 2.49
C THR A 151 -12.97 -1.03 3.26
N ILE A 152 -12.05 -0.26 3.82
CA ILE A 152 -10.98 -0.80 4.63
C ILE A 152 -11.00 0.00 5.93
N THR A 153 -11.44 -0.64 7.00
CA THR A 153 -11.51 -0.01 8.30
C THR A 153 -10.17 -0.27 8.98
N THR A 154 -9.26 0.68 8.83
CA THR A 154 -7.91 0.53 9.35
C THR A 154 -7.80 0.17 10.83
N GLY A 155 -8.68 0.72 11.66
CA GLY A 155 -8.66 0.42 13.08
C GLY A 155 -8.79 -1.05 13.40
N ASN A 156 -9.57 -1.76 12.60
CA ASN A 156 -9.77 -3.18 12.81
C ASN A 156 -8.45 -3.92 12.65
N HIS A 157 -7.68 -3.51 11.66
CA HIS A 157 -6.39 -4.14 11.42
C HIS A 157 -5.37 -3.72 12.46
N PHE A 158 -5.31 -2.43 12.77
CA PHE A 158 -4.36 -1.94 13.75
C PHE A 158 -4.55 -2.65 15.10
N ASP A 159 -5.79 -2.86 15.49
CA ASP A 159 -6.10 -3.51 16.76
C ASP A 159 -5.66 -4.97 16.78
N ALA A 160 -5.95 -5.70 15.71
CA ALA A 160 -5.55 -7.09 15.64
C ALA A 160 -4.02 -7.18 15.69
N TRP A 161 -3.37 -6.29 14.94
CA TRP A 161 -1.92 -6.26 14.92
C TRP A 161 -1.39 -6.01 16.33
N ALA A 162 -1.95 -5.03 17.01
CA ALA A 162 -1.49 -4.71 18.35
C ALA A 162 -1.62 -5.89 19.31
N SER A 163 -2.73 -6.61 19.18
CA SER A 163 -2.99 -7.77 20.03
C SER A 163 -1.94 -8.85 19.86
N LEU A 164 -1.28 -8.84 18.69
CA LEU A 164 -0.27 -9.83 18.38
C LEU A 164 1.16 -9.35 18.62
N GLY A 165 1.30 -8.18 19.22
CA GLY A 165 2.61 -7.64 19.51
C GLY A 165 3.17 -6.80 18.37
N MET A 166 2.32 -6.52 17.39
CA MET A 166 2.72 -5.73 16.25
C MET A 166 2.23 -4.30 16.49
N ASN A 167 3.01 -3.56 17.28
CA ASN A 167 2.67 -2.20 17.65
C ASN A 167 3.08 -1.16 16.62
N LEU A 168 2.27 -0.12 16.48
CA LEU A 168 2.54 0.95 15.54
C LEU A 168 3.05 2.20 16.26
N GLY A 169 3.81 3.00 15.53
CA GLY A 169 4.34 4.23 16.08
C GLY A 169 3.56 5.44 15.61
N GLN A 170 4.23 6.58 15.50
CA GLN A 170 3.59 7.80 15.05
C GLN A 170 3.33 7.69 13.56
N HIS A 171 2.07 7.89 13.18
CA HIS A 171 1.68 7.77 11.79
C HIS A 171 2.23 8.78 10.82
N ASN A 172 2.73 8.28 9.70
CA ASN A 172 3.21 9.09 8.61
C ASN A 172 2.13 8.90 7.56
N TYR A 173 2.47 8.87 6.28
CA TYR A 173 1.44 8.72 5.25
C TYR A 173 0.72 7.37 5.20
N MET A 174 -0.46 7.38 4.59
CA MET A 174 -1.31 6.22 4.43
C MET A 174 -2.08 6.37 3.13
N VAL A 175 -1.78 5.54 2.14
CA VAL A 175 -2.44 5.65 0.85
C VAL A 175 -2.97 4.32 0.31
N MET A 176 -3.93 4.40 -0.60
CA MET A 176 -4.48 3.19 -1.24
C MET A 176 -3.56 3.04 -2.42
N ALA A 177 -2.58 2.17 -2.27
CA ALA A 177 -1.56 2.01 -3.28
C ALA A 177 -1.60 0.84 -4.22
N THR A 178 -0.81 1.00 -5.27
CA THR A 178 -0.57 0.00 -6.27
C THR A 178 0.94 -0.21 -6.14
N GLU A 179 1.37 -1.45 -6.03
CA GLU A 179 2.79 -1.74 -5.93
C GLU A 179 3.15 -2.76 -6.99
N GLY A 180 4.32 -2.59 -7.58
CA GLY A 180 4.77 -3.52 -8.59
C GLY A 180 6.19 -3.98 -8.36
N TYR A 181 6.47 -5.22 -8.74
CA TYR A 181 7.81 -5.77 -8.60
C TYR A 181 8.18 -6.57 -9.85
N GLN A 182 9.14 -6.06 -10.60
CA GLN A 182 9.62 -6.70 -11.81
C GLN A 182 8.48 -7.24 -12.67
N SER A 183 7.53 -6.37 -12.95
CA SER A 183 6.36 -6.73 -13.73
C SER A 183 5.89 -5.52 -14.51
N SER A 184 4.68 -5.60 -15.03
CA SER A 184 4.08 -4.50 -15.76
C SER A 184 2.60 -4.57 -15.45
N GLY A 185 1.85 -3.54 -15.82
CA GLY A 185 0.44 -3.53 -15.56
C GLY A 185 -0.15 -2.13 -15.46
N SER A 186 -1.36 -2.06 -14.95
CA SER A 186 -2.04 -0.78 -14.79
C SER A 186 -3.04 -0.83 -13.66
N SER A 187 -3.43 0.34 -13.18
CA SER A 187 -4.41 0.46 -12.13
C SER A 187 -5.14 1.78 -12.28
N ASP A 188 -6.36 1.84 -11.75
CA ASP A 188 -7.21 3.02 -11.80
C ASP A 188 -7.98 2.96 -10.50
N ILE A 189 -7.55 3.75 -9.54
CA ILE A 189 -8.14 3.74 -8.21
C ILE A 189 -8.59 5.09 -7.68
N THR A 190 -9.77 5.11 -7.08
CA THR A 190 -10.33 6.31 -6.50
C THR A 190 -10.49 6.05 -5.00
N VAL A 191 -9.92 6.93 -4.20
CA VAL A 191 -9.99 6.78 -2.76
C VAL A 191 -10.90 7.83 -2.13
N GLY A 192 -11.43 7.51 -0.96
CA GLY A 192 -12.30 8.39 -0.22
C GLY A 192 -12.30 8.01 1.25
#